data_6GPE
#
_entry.id   6GPE
#
_cell.length_a   121.200
_cell.length_b   121.200
_cell.length_c   137.000
_cell.angle_alpha   90.00
_cell.angle_beta   90.00
_cell.angle_gamma   90.00
#
_symmetry.space_group_name_H-M   'P 4 21 2'
#
loop_
_entity.id
_entity.type
_entity.pdbx_description
1 polymer 'Protein CsiD'
2 non-polymer 'FE (II) ION'
3 water water
#
_entity_poly.entity_id   1
_entity_poly.type   'polypeptide(L)'
_entity_poly.pdbx_seq_one_letter_code
;MGSSHHHHHHSSGLVPRGSHMNALTAVQNNAVDSGQDYSGFTLTPSAQSPRLLELTFTEQTTKQFLEQVAEWPVQALEYK
SFLRFRVAKILDDLCANQLQPLLLKTLLNRAEGALLINAVGVDDVKQADEMVKLATAVAHLIGRSNFDAMSGQYYARFVV
KNVDNSDSYLRQPHRVMELHNDGTYVEEITDYVLMMKIDEQNMQGGNSLLLHLDDWEHLDNYFRHPLARRPMRFAAPPSK
NVSKDVFHPVFDVDQQGRPVMRYIDQFVQPKDFEEGVWLSELSDAIETSKGILSVPVPVGKFLLINNLFWLHGRDRFTPH
PDLRRELMRQRGYFAYASNHYQTHQLEHHHHHH
;
_entity_poly.pdbx_strand_id   A,B
#
loop_
_chem_comp.id
_chem_comp.type
_chem_comp.name
_chem_comp.formula
FE2 non-polymer 'FE (II) ION' 'Fe 2'
#
# COMPACT_ATOMS: atom_id res chain seq x y z
N GLN A 36 -27.64 4.38 23.42
CA GLN A 36 -28.04 5.77 23.57
C GLN A 36 -29.37 6.03 22.88
N ASP A 37 -30.05 7.10 23.29
CA ASP A 37 -31.35 7.46 22.76
C ASP A 37 -31.20 8.63 21.78
N TYR A 38 -31.56 8.39 20.52
CA TYR A 38 -31.57 9.39 19.47
C TYR A 38 -33.00 9.78 19.16
N SER A 39 -33.17 10.72 18.23
CA SER A 39 -34.49 11.16 17.81
C SER A 39 -34.99 10.21 16.72
N GLY A 40 -36.00 9.42 17.05
CA GLY A 40 -36.66 8.54 16.10
C GLY A 40 -36.15 7.11 16.06
N PHE A 41 -35.08 6.81 16.79
CA PHE A 41 -34.53 5.46 16.79
C PHE A 41 -33.65 5.28 18.02
N THR A 42 -33.36 4.02 18.34
CA THR A 42 -32.44 3.67 19.40
C THR A 42 -31.27 2.87 18.84
N LEU A 43 -30.17 2.87 19.59
CA LEU A 43 -28.91 2.27 19.14
C LEU A 43 -28.28 1.54 20.31
N THR A 44 -27.97 0.25 20.11
CA THR A 44 -27.39 -0.55 21.18
C THR A 44 -26.45 -1.58 20.57
N PRO A 45 -25.35 -1.91 21.25
CA PRO A 45 -24.43 -2.91 20.71
C PRO A 45 -25.06 -4.30 20.65
N SER A 46 -24.61 -5.09 19.67
CA SER A 46 -25.12 -6.44 19.50
C SER A 46 -24.58 -7.36 20.58
N ALA A 47 -25.23 -8.52 20.73
CA ALA A 47 -24.73 -9.52 21.67
C ALA A 47 -23.48 -10.20 21.17
N GLN A 48 -23.24 -10.22 19.86
CA GLN A 48 -22.11 -10.94 19.30
C GLN A 48 -20.82 -10.13 19.31
N SER A 49 -20.91 -8.80 19.25
CA SER A 49 -19.71 -7.98 19.10
C SER A 49 -19.99 -6.51 19.34
N PRO A 50 -19.10 -5.79 20.03
CA PRO A 50 -19.26 -4.34 20.14
C PRO A 50 -19.06 -3.60 18.83
N ARG A 51 -18.50 -4.26 17.80
CA ARG A 51 -18.34 -3.63 16.50
C ARG A 51 -19.65 -3.54 15.72
N LEU A 52 -20.63 -4.37 16.06
CA LEU A 52 -21.90 -4.43 15.34
C LEU A 52 -22.98 -3.78 16.20
N LEU A 53 -23.54 -2.68 15.70
CA LEU A 53 -24.54 -1.91 16.44
C LEU A 53 -25.93 -2.20 15.87
N GLU A 54 -26.89 -2.36 16.78
CA GLU A 54 -28.28 -2.62 16.39
C GLU A 54 -29.05 -1.31 16.46
N LEU A 55 -29.62 -0.92 15.32
CA LEU A 55 -30.39 0.33 15.19
C LEU A 55 -31.85 -0.04 14.94
N THR A 56 -32.74 0.45 15.79
CA THR A 56 -34.16 0.14 15.71
C THR A 56 -34.95 1.43 15.63
N PHE A 57 -35.72 1.60 14.56
CA PHE A 57 -36.61 2.74 14.44
C PHE A 57 -37.86 2.52 15.30
N THR A 58 -38.24 3.56 16.06
CA THR A 58 -39.40 3.50 16.93
C THR A 58 -40.68 3.28 16.11
N GLU A 59 -41.76 2.95 16.82
CA GLU A 59 -43.03 2.70 16.14
C GLU A 59 -43.61 3.96 15.48
N GLN A 60 -43.59 5.11 16.17
CA GLN A 60 -44.11 6.31 15.51
C GLN A 60 -43.28 6.66 14.28
N THR A 61 -41.95 6.59 14.39
CA THR A 61 -41.11 6.91 13.25
C THR A 61 -41.45 6.00 12.07
N THR A 62 -41.56 4.69 12.34
CA THR A 62 -41.86 3.73 11.28
C THR A 62 -43.18 4.04 10.61
N LYS A 63 -44.20 4.39 11.41
CA LYS A 63 -45.52 4.66 10.84
C LYS A 63 -45.54 5.97 10.06
N GLN A 64 -44.89 7.01 10.60
CA GLN A 64 -44.82 8.27 9.86
C GLN A 64 -44.10 8.08 8.53
N PHE A 65 -42.98 7.37 8.53
CA PHE A 65 -42.22 7.14 7.31
C PHE A 65 -43.07 6.43 6.25
N LEU A 66 -43.72 5.34 6.64
CA LEU A 66 -44.50 4.57 5.68
C LEU A 66 -45.68 5.38 5.13
N GLU A 67 -46.29 6.20 5.98
CA GLU A 67 -47.36 7.09 5.52
C GLU A 67 -46.83 8.07 4.47
N GLN A 68 -45.69 8.71 4.76
CA GLN A 68 -45.18 9.78 3.91
C GLN A 68 -44.58 9.27 2.60
N VAL A 69 -44.33 7.97 2.46
CA VAL A 69 -43.82 7.39 1.23
C VAL A 69 -44.85 6.49 0.56
N ALA A 70 -46.11 6.55 1.02
CA ALA A 70 -47.13 5.65 0.48
C ALA A 70 -47.43 5.91 -0.99
N GLU A 71 -47.25 7.15 -1.45
CA GLU A 71 -47.62 7.47 -2.83
C GLU A 71 -46.61 6.95 -3.85
N TRP A 72 -45.45 6.46 -3.43
CA TRP A 72 -44.48 5.89 -4.35
C TRP A 72 -44.33 4.40 -4.07
N PRO A 73 -44.94 3.52 -4.86
CA PRO A 73 -44.69 2.09 -4.71
C PRO A 73 -43.26 1.74 -5.11
N VAL A 74 -42.81 0.55 -4.70
CA VAL A 74 -41.44 0.13 -4.98
C VAL A 74 -41.15 0.19 -6.47
N GLN A 75 -42.16 -0.06 -7.32
CA GLN A 75 -41.96 0.01 -8.76
C GLN A 75 -41.63 1.43 -9.21
N ALA A 76 -42.12 2.43 -8.48
CA ALA A 76 -41.71 3.81 -8.75
C ALA A 76 -40.24 4.03 -8.38
N LEU A 77 -39.81 3.46 -7.25
CA LEU A 77 -38.40 3.54 -6.88
C LEU A 77 -37.52 2.85 -7.92
N GLU A 78 -38.01 1.76 -8.52
CA GLU A 78 -37.23 1.05 -9.53
C GLU A 78 -37.07 1.88 -10.80
N TYR A 79 -38.08 2.66 -11.16
CA TYR A 79 -38.08 3.37 -12.45
C TYR A 79 -37.42 4.74 -12.38
N LYS A 80 -37.54 5.44 -11.26
CA LYS A 80 -37.03 6.81 -11.11
C LYS A 80 -36.08 6.82 -9.91
N SER A 81 -34.78 6.75 -10.19
CA SER A 81 -33.80 6.56 -9.12
C SER A 81 -33.76 7.73 -8.16
N PHE A 82 -34.16 8.93 -8.56
CA PHE A 82 -34.12 10.04 -7.60
C PHE A 82 -35.12 9.85 -6.47
N LEU A 83 -36.16 9.05 -6.67
CA LEU A 83 -37.10 8.75 -5.60
C LEU A 83 -36.46 7.94 -4.48
N ARG A 84 -35.38 7.21 -4.78
CA ARG A 84 -34.63 6.53 -3.74
C ARG A 84 -34.01 7.53 -2.78
N PHE A 85 -33.57 8.68 -3.30
CA PHE A 85 -33.02 9.72 -2.42
C PHE A 85 -34.13 10.55 -1.78
N ARG A 86 -35.30 10.62 -2.42
CA ARG A 86 -36.43 11.33 -1.81
C ARG A 86 -36.91 10.62 -0.55
N VAL A 87 -37.07 9.29 -0.62
CA VAL A 87 -37.51 8.55 0.56
C VAL A 87 -36.42 8.53 1.62
N ALA A 88 -35.15 8.62 1.21
CA ALA A 88 -34.06 8.71 2.17
C ALA A 88 -34.16 9.99 2.99
N LYS A 89 -34.40 11.12 2.31
CA LYS A 89 -34.52 12.40 3.00
C LYS A 89 -35.70 12.40 3.96
N ILE A 90 -36.82 11.79 3.55
CA ILE A 90 -38.00 11.76 4.40
C ILE A 90 -37.72 11.02 5.70
N LEU A 91 -37.01 9.89 5.61
CA LEU A 91 -36.67 9.13 6.81
C LEU A 91 -35.72 9.92 7.72
N ASP A 92 -34.69 10.54 7.14
CA ASP A 92 -33.74 11.31 7.93
C ASP A 92 -34.41 12.53 8.56
N ASP A 93 -35.30 13.19 7.82
CA ASP A 93 -36.04 14.33 8.38
C ASP A 93 -36.88 13.91 9.57
N LEU A 94 -37.52 12.74 9.49
CA LEU A 94 -38.30 12.23 10.62
C LEU A 94 -37.43 11.92 11.83
N CYS A 95 -36.13 11.69 11.62
CA CYS A 95 -35.19 11.48 12.72
C CYS A 95 -34.44 12.75 13.07
N ALA A 96 -35.03 13.91 12.80
CA ALA A 96 -34.44 15.21 13.12
C ALA A 96 -33.03 15.36 12.52
N ASN A 97 -32.81 14.74 11.36
CA ASN A 97 -31.53 14.80 10.66
C ASN A 97 -30.39 14.24 11.50
N GLN A 98 -30.71 13.34 12.43
CA GLN A 98 -29.70 12.64 13.22
C GLN A 98 -29.31 11.29 12.62
N LEU A 99 -30.09 10.78 11.68
CA LEU A 99 -29.84 9.43 11.15
C LEU A 99 -28.64 9.41 10.21
N GLN A 100 -28.64 10.29 9.21
CA GLN A 100 -27.57 10.29 8.21
C GLN A 100 -26.18 10.45 8.82
N PRO A 101 -25.91 11.43 9.70
CA PRO A 101 -24.57 11.49 10.29
C PRO A 101 -24.22 10.29 11.15
N LEU A 102 -25.21 9.68 11.81
CA LEU A 102 -24.93 8.50 12.62
C LEU A 102 -24.58 7.30 11.75
N LEU A 103 -25.34 7.08 10.69
CA LEU A 103 -25.04 5.99 9.76
C LEU A 103 -23.63 6.14 9.18
N LEU A 104 -23.29 7.36 8.74
CA LEU A 104 -21.99 7.58 8.14
C LEU A 104 -20.86 7.38 9.16
N LYS A 105 -21.03 7.93 10.37
CA LYS A 105 -19.99 7.78 11.39
C LYS A 105 -19.75 6.32 11.73
N THR A 106 -20.83 5.53 11.82
CA THR A 106 -20.69 4.12 12.18
C THR A 106 -20.03 3.33 11.06
N LEU A 107 -20.48 3.52 9.82
CA LEU A 107 -19.98 2.71 8.72
C LEU A 107 -18.53 3.04 8.35
N LEU A 108 -18.11 4.29 8.53
CA LEU A 108 -16.76 4.69 8.19
C LEU A 108 -15.76 4.49 9.32
N ASN A 109 -16.23 4.17 10.52
CA ASN A 109 -15.36 3.98 11.68
C ASN A 109 -14.74 2.58 11.61
N ARG A 110 -13.41 2.52 11.56
CA ARG A 110 -12.71 1.24 11.47
C ARG A 110 -13.05 0.32 12.63
N ALA A 111 -13.29 0.88 13.83
CA ALA A 111 -13.59 0.06 14.98
C ALA A 111 -14.97 -0.58 14.91
N GLU A 112 -15.87 -0.06 14.06
CA GLU A 112 -17.23 -0.55 14.00
C GLU A 112 -17.51 -1.00 12.58
N GLY A 113 -18.24 -0.22 11.79
CA GLY A 113 -18.42 -0.50 10.38
C GLY A 113 -19.57 -1.43 10.03
N ALA A 114 -20.44 -1.78 10.98
CA ALA A 114 -21.51 -2.72 10.71
C ALA A 114 -22.73 -2.36 11.54
N LEU A 115 -23.90 -2.47 10.92
CA LEU A 115 -25.17 -2.24 11.60
C LEU A 115 -26.15 -3.35 11.31
N LEU A 116 -27.00 -3.64 12.30
CA LEU A 116 -28.18 -4.48 12.12
C LEU A 116 -29.38 -3.59 12.39
N ILE A 117 -30.25 -3.43 11.40
CA ILE A 117 -31.24 -2.36 11.39
C ILE A 117 -32.62 -2.98 11.24
N ASN A 118 -33.59 -2.43 11.97
CA ASN A 118 -34.97 -2.86 11.88
C ASN A 118 -35.88 -1.70 12.30
N ALA A 119 -37.17 -1.87 12.03
CA ALA A 119 -38.18 -0.89 12.39
C ALA A 119 -39.35 -1.61 13.07
N VAL A 120 -39.72 -1.14 14.26
CA VAL A 120 -40.78 -1.80 15.02
C VAL A 120 -42.07 -1.81 14.21
N GLY A 121 -42.69 -3.00 14.11
CA GLY A 121 -43.94 -3.16 13.41
C GLY A 121 -43.81 -3.70 11.99
N VAL A 122 -42.59 -3.81 11.47
CA VAL A 122 -42.34 -4.37 10.15
C VAL A 122 -41.54 -5.64 10.37
N ASP A 123 -42.21 -6.80 10.26
CA ASP A 123 -41.58 -8.06 10.62
C ASP A 123 -42.31 -9.27 10.04
N ASP A 124 -43.01 -9.09 8.90
CA ASP A 124 -43.77 -10.16 8.24
C ASP A 124 -43.60 -10.04 6.73
N VAL A 125 -43.58 -11.21 6.05
CA VAL A 125 -43.26 -11.32 4.63
C VAL A 125 -44.23 -10.49 3.79
N LYS A 126 -45.43 -10.34 4.34
CA LYS A 126 -46.66 -9.62 4.04
C LYS A 126 -46.41 -8.14 3.95
N GLN A 127 -45.33 -7.66 4.59
CA GLN A 127 -44.78 -6.30 4.53
C GLN A 127 -43.51 -6.19 3.67
N ALA A 128 -43.35 -7.03 2.64
CA ALA A 128 -42.09 -7.04 1.89
C ALA A 128 -41.79 -5.70 1.22
N ASP A 129 -42.81 -5.10 0.59
CA ASP A 129 -42.61 -3.82 -0.08
C ASP A 129 -42.12 -2.75 0.88
N GLU A 130 -42.73 -2.67 2.06
CA GLU A 130 -42.31 -1.70 3.07
C GLU A 130 -40.88 -1.94 3.52
N MET A 131 -40.46 -3.20 3.57
CA MET A 131 -39.08 -3.51 3.91
C MET A 131 -38.11 -2.95 2.86
N VAL A 132 -38.46 -3.11 1.58
CA VAL A 132 -37.62 -2.59 0.51
C VAL A 132 -37.52 -1.08 0.58
N LYS A 133 -38.64 -0.40 0.88
CA LYS A 133 -38.61 1.05 1.01
C LYS A 133 -37.70 1.48 2.15
N LEU A 134 -37.80 0.81 3.30
CA LEU A 134 -36.99 1.19 4.45
C LEU A 134 -35.51 1.01 4.18
N ALA A 135 -35.11 -0.14 3.63
CA ALA A 135 -33.71 -0.37 3.32
C ALA A 135 -33.21 0.59 2.26
N THR A 136 -34.05 0.88 1.25
CA THR A 136 -33.69 1.84 0.22
C THR A 136 -33.40 3.20 0.83
N ALA A 137 -34.27 3.66 1.74
CA ALA A 137 -34.09 4.97 2.36
C ALA A 137 -32.81 5.04 3.17
N VAL A 138 -32.50 3.98 3.91
CA VAL A 138 -31.29 3.99 4.73
C VAL A 138 -30.04 4.00 3.84
N ALA A 139 -30.03 3.15 2.81
CA ALA A 139 -28.84 3.00 1.98
C ALA A 139 -28.52 4.29 1.23
N HIS A 140 -29.55 5.00 0.76
CA HIS A 140 -29.34 6.19 -0.05
C HIS A 140 -29.16 7.44 0.78
N LEU A 141 -29.06 7.30 2.11
CA LEU A 141 -28.52 8.36 2.94
C LEU A 141 -27.00 8.35 2.98
N ILE A 142 -26.37 7.21 2.67
CA ILE A 142 -24.93 7.05 2.76
C ILE A 142 -24.28 6.77 1.42
N GLY A 143 -25.05 6.63 0.36
CA GLY A 143 -24.48 6.34 -0.96
C GLY A 143 -25.57 6.06 -1.97
N ARG A 144 -25.26 5.15 -2.90
CA ARG A 144 -26.20 4.72 -3.93
C ARG A 144 -25.99 3.24 -4.21
N SER A 145 -27.10 2.51 -4.34
CA SER A 145 -27.05 1.09 -4.64
C SER A 145 -26.92 0.85 -6.14
N ASN A 146 -26.05 -0.09 -6.51
CA ASN A 146 -25.71 -0.34 -7.90
C ASN A 146 -26.70 -1.32 -8.54
N PHE A 147 -26.77 -1.26 -9.87
CA PHE A 147 -27.50 -2.21 -10.68
C PHE A 147 -27.14 -3.65 -10.28
N ASP A 148 -28.18 -4.48 -10.13
CA ASP A 148 -28.02 -5.88 -9.77
C ASP A 148 -28.36 -6.74 -10.98
N ALA A 149 -27.35 -7.46 -11.49
CA ALA A 149 -27.52 -8.23 -12.72
C ALA A 149 -28.49 -9.39 -12.57
N MET A 150 -28.73 -9.86 -11.35
CA MET A 150 -29.64 -10.99 -11.15
C MET A 150 -31.10 -10.59 -11.24
N SER A 151 -31.41 -9.33 -10.94
CA SER A 151 -32.79 -8.85 -10.97
C SER A 151 -33.05 -7.77 -12.02
N GLY A 152 -32.00 -7.16 -12.58
CA GLY A 152 -32.18 -6.02 -13.45
C GLY A 152 -32.62 -4.76 -12.75
N GLN A 153 -32.56 -4.71 -11.42
CA GLN A 153 -32.99 -3.55 -10.66
C GLN A 153 -31.88 -3.18 -9.67
N TYR A 154 -32.11 -2.09 -8.93
CA TYR A 154 -31.15 -1.64 -7.93
C TYR A 154 -31.15 -2.52 -6.68
N TYR A 155 -32.08 -3.47 -6.58
CA TYR A 155 -32.10 -4.45 -5.51
C TYR A 155 -32.49 -5.79 -6.12
N ALA A 156 -32.27 -6.85 -5.35
CA ALA A 156 -32.64 -8.20 -5.79
C ALA A 156 -33.22 -8.98 -4.62
N ARG A 157 -34.31 -9.71 -4.90
CA ARG A 157 -34.93 -10.59 -3.92
C ARG A 157 -34.76 -12.05 -4.37
N PHE A 158 -34.41 -12.92 -3.42
CA PHE A 158 -34.19 -14.34 -3.68
C PHE A 158 -35.00 -15.17 -2.70
N VAL A 159 -35.53 -16.30 -3.19
CA VAL A 159 -36.24 -17.27 -2.35
C VAL A 159 -35.40 -18.54 -2.29
N VAL A 160 -35.16 -19.02 -1.07
CA VAL A 160 -34.46 -20.27 -0.82
C VAL A 160 -35.47 -21.33 -0.41
N LYS A 161 -35.47 -22.46 -1.11
CA LYS A 161 -36.35 -23.57 -0.75
C LYS A 161 -35.64 -24.92 -0.96
N HIS A 174 -27.36 -25.84 1.70
CA HIS A 174 -27.45 -25.88 3.15
C HIS A 174 -26.07 -25.98 3.80
N ARG A 175 -25.02 -26.07 2.98
CA ARG A 175 -23.64 -25.98 3.43
C ARG A 175 -23.21 -24.53 3.60
N VAL A 176 -22.14 -24.32 4.38
CA VAL A 176 -21.67 -22.97 4.67
C VAL A 176 -21.32 -22.24 3.37
N MET A 177 -21.71 -20.97 3.29
CA MET A 177 -21.23 -20.05 2.26
C MET A 177 -20.04 -19.29 2.81
N GLU A 178 -18.89 -19.44 2.16
CA GLU A 178 -17.62 -18.98 2.71
C GLU A 178 -17.56 -17.46 2.80
N LEU A 179 -16.80 -16.97 3.78
CA LEU A 179 -16.63 -15.53 3.97
C LEU A 179 -15.95 -14.90 2.76
N HIS A 180 -16.41 -13.71 2.38
CA HIS A 180 -15.91 -13.04 1.18
C HIS A 180 -16.31 -11.58 1.21
N ASN A 181 -15.76 -10.83 0.26
CA ASN A 181 -16.20 -9.48 -0.07
C ASN A 181 -16.99 -9.51 -1.37
N ASP A 182 -17.91 -8.57 -1.51
CA ASP A 182 -18.68 -8.43 -2.74
C ASP A 182 -17.95 -7.54 -3.73
N GLY A 183 -18.32 -7.70 -5.02
CA GLY A 183 -17.85 -6.78 -6.04
C GLY A 183 -16.40 -6.92 -6.44
N THR A 184 -15.81 -8.11 -6.27
CA THR A 184 -14.39 -8.29 -6.55
C THR A 184 -14.09 -8.42 -8.04
N TYR A 185 -15.10 -8.59 -8.89
CA TYR A 185 -14.86 -8.87 -10.31
C TYR A 185 -15.15 -7.67 -11.21
N VAL A 186 -15.28 -6.47 -10.66
CA VAL A 186 -15.35 -5.24 -11.44
C VAL A 186 -14.29 -4.28 -10.93
N GLU A 187 -14.05 -3.22 -11.72
CA GLU A 187 -13.02 -2.26 -11.36
C GLU A 187 -13.45 -1.37 -10.20
N GLU A 188 -14.72 -0.97 -10.18
CA GLU A 188 -15.21 -0.07 -9.15
C GLU A 188 -15.32 -0.78 -7.80
N ILE A 189 -15.09 -0.01 -6.73
CA ILE A 189 -15.11 -0.55 -5.38
C ILE A 189 -16.54 -0.56 -4.85
N THR A 190 -16.96 -1.70 -4.32
CA THR A 190 -18.20 -1.80 -3.57
C THR A 190 -17.92 -1.48 -2.10
N ASP A 191 -18.50 -0.40 -1.60
CA ASP A 191 -18.23 0.04 -0.23
C ASP A 191 -19.11 -0.62 0.81
N TYR A 192 -20.35 -0.98 0.47
CA TYR A 192 -21.27 -1.51 1.46
C TYR A 192 -22.07 -2.67 0.87
N VAL A 193 -22.49 -3.57 1.76
CA VAL A 193 -23.35 -4.69 1.44
C VAL A 193 -24.57 -4.64 2.35
N LEU A 194 -25.75 -4.78 1.77
CA LEU A 194 -27.01 -4.76 2.51
C LEU A 194 -27.74 -6.06 2.24
N MET A 195 -28.06 -6.81 3.30
CA MET A 195 -28.75 -8.09 3.18
C MET A 195 -29.90 -8.13 4.18
N MET A 196 -31.12 -8.21 3.67
CA MET A 196 -32.33 -8.15 4.49
C MET A 196 -33.04 -9.50 4.48
N LYS A 197 -33.60 -9.87 5.63
CA LYS A 197 -34.38 -11.10 5.76
C LYS A 197 -35.84 -10.74 5.50
N ILE A 198 -36.37 -11.24 4.39
CA ILE A 198 -37.76 -10.93 4.01
C ILE A 198 -38.72 -11.98 4.54
N ASP A 199 -38.30 -13.24 4.58
CA ASP A 199 -39.15 -14.30 5.09
C ASP A 199 -38.26 -15.36 5.70
N GLU A 200 -38.81 -16.08 6.67
CA GLU A 200 -38.10 -17.15 7.37
C GLU A 200 -39.14 -18.15 7.87
N GLN A 201 -39.07 -19.38 7.35
CA GLN A 201 -40.13 -20.33 7.63
C GLN A 201 -39.48 -21.70 7.75
N ASN A 202 -39.67 -22.33 8.92
CA ASN A 202 -39.09 -23.61 9.28
C ASN A 202 -37.59 -23.65 8.97
N MET A 203 -36.86 -22.67 9.50
CA MET A 203 -35.44 -22.49 9.22
C MET A 203 -34.64 -22.70 10.50
N GLN A 204 -33.76 -23.69 10.50
CA GLN A 204 -32.83 -23.94 11.60
C GLN A 204 -31.42 -23.69 11.09
N GLY A 205 -30.71 -22.79 11.75
CA GLY A 205 -29.40 -22.39 11.29
C GLY A 205 -29.49 -21.26 10.28
N GLY A 206 -28.45 -21.17 9.46
CA GLY A 206 -28.42 -20.15 8.43
C GLY A 206 -28.15 -18.75 8.93
N ASN A 207 -27.50 -18.61 10.07
CA ASN A 207 -27.09 -17.28 10.54
C ASN A 207 -26.16 -16.63 9.53
N SER A 208 -26.17 -15.31 9.51
CA SER A 208 -25.13 -14.58 8.80
C SER A 208 -23.80 -14.74 9.53
N LEU A 209 -22.75 -14.98 8.75
CA LEU A 209 -21.39 -15.00 9.29
C LEU A 209 -20.68 -13.72 8.90
N LEU A 210 -19.92 -13.16 9.85
CA LEU A 210 -19.19 -11.92 9.64
C LEU A 210 -17.79 -12.06 10.22
N LEU A 211 -16.84 -11.40 9.56
CA LEU A 211 -15.46 -11.38 10.06
C LEU A 211 -14.88 -9.99 9.82
N HIS A 212 -14.56 -9.30 10.90
CA HIS A 212 -13.84 -8.03 10.86
C HIS A 212 -12.35 -8.33 10.80
N LEU A 213 -11.63 -7.67 9.88
CA LEU A 213 -10.23 -8.00 9.66
C LEU A 213 -9.41 -7.84 10.94
N ASP A 214 -9.76 -6.88 11.79
CA ASP A 214 -9.04 -6.69 13.04
C ASP A 214 -9.40 -7.70 14.12
N ASP A 215 -10.37 -8.58 13.84
CA ASP A 215 -10.66 -9.74 14.69
C ASP A 215 -10.02 -11.01 14.16
N TRP A 216 -9.40 -10.96 12.99
CA TRP A 216 -8.84 -12.14 12.33
C TRP A 216 -7.43 -12.37 12.82
N GLU A 217 -7.20 -13.46 13.56
CA GLU A 217 -5.93 -13.71 14.21
C GLU A 217 -4.80 -14.00 13.24
N HIS A 218 -5.10 -14.27 11.97
CA HIS A 218 -4.08 -14.57 10.97
C HIS A 218 -3.83 -13.42 10.00
N LEU A 219 -4.38 -12.24 10.29
CA LEU A 219 -4.29 -11.12 9.35
C LEU A 219 -2.84 -10.79 9.02
N ASP A 220 -1.99 -10.62 10.04
CA ASP A 220 -0.62 -10.18 9.80
C ASP A 220 0.18 -11.22 9.01
N ASN A 221 -0.07 -12.50 9.25
CA ASN A 221 0.70 -13.54 8.55
C ASN A 221 0.47 -13.48 7.05
N TYR A 222 -0.77 -13.22 6.64
CA TYR A 222 -1.09 -13.21 5.21
C TYR A 222 -0.90 -11.83 4.60
N PHE A 223 -1.21 -10.77 5.33
CA PHE A 223 -1.01 -9.42 4.80
C PHE A 223 0.46 -9.14 4.53
N ARG A 224 1.37 -9.71 5.32
CA ARG A 224 2.80 -9.48 5.13
C ARG A 224 3.42 -10.40 4.08
N HIS A 225 2.66 -11.34 3.52
CA HIS A 225 3.19 -12.20 2.47
C HIS A 225 3.28 -11.42 1.16
N PRO A 226 4.33 -11.63 0.37
CA PRO A 226 4.45 -10.91 -0.92
C PRO A 226 3.24 -11.10 -1.83
N LEU A 227 2.58 -12.24 -1.78
CA LEU A 227 1.42 -12.47 -2.63
C LEU A 227 0.21 -11.63 -2.22
N ALA A 228 0.20 -11.10 -1.00
CA ALA A 228 -0.87 -10.19 -0.59
C ALA A 228 -0.96 -8.98 -1.52
N ARG A 229 0.14 -8.57 -2.13
CA ARG A 229 0.20 -7.41 -3.00
C ARG A 229 0.22 -7.78 -4.48
N ARG A 230 0.27 -9.05 -4.81
CA ARG A 230 0.29 -9.49 -6.20
C ARG A 230 -1.08 -9.28 -6.83
N PRO A 231 -1.20 -8.47 -7.88
CA PRO A 231 -2.48 -8.37 -8.59
C PRO A 231 -2.83 -9.71 -9.21
N MET A 232 -4.05 -10.17 -8.94
CA MET A 232 -4.52 -11.46 -9.44
C MET A 232 -5.75 -11.25 -10.30
N ARG A 233 -6.01 -12.23 -11.18
CA ARG A 233 -7.16 -12.16 -12.06
C ARG A 233 -8.43 -12.53 -11.33
N PHE A 234 -9.48 -11.72 -11.54
CA PHE A 234 -10.81 -11.99 -11.04
C PHE A 234 -11.76 -12.04 -12.23
N ALA A 235 -12.66 -13.03 -12.23
CA ALA A 235 -13.53 -13.27 -13.38
C ALA A 235 -14.93 -13.60 -12.89
N ALA A 236 -15.93 -12.99 -13.54
CA ALA A 236 -17.33 -13.21 -13.22
C ALA A 236 -17.83 -14.58 -13.67
N LYS A 244 -15.72 -8.70 -18.61
CA LYS A 244 -14.28 -8.61 -18.75
C LYS A 244 -13.58 -8.79 -17.40
N ASP A 245 -12.51 -9.59 -17.41
CA ASP A 245 -11.73 -9.83 -16.20
C ASP A 245 -11.11 -8.55 -15.67
N VAL A 246 -10.91 -8.50 -14.36
CA VAL A 246 -10.19 -7.41 -13.72
C VAL A 246 -9.00 -7.99 -12.96
N PHE A 247 -8.04 -7.12 -12.67
CA PHE A 247 -6.83 -7.51 -11.96
C PHE A 247 -6.63 -6.58 -10.76
N HIS A 248 -6.56 -7.16 -9.58
CA HIS A 248 -6.27 -6.41 -8.36
C HIS A 248 -5.77 -7.39 -7.31
N PRO A 249 -5.04 -6.91 -6.30
CA PRO A 249 -4.55 -7.82 -5.26
C PRO A 249 -5.67 -8.24 -4.33
N VAL A 250 -5.39 -9.28 -3.54
CA VAL A 250 -6.35 -9.75 -2.57
C VAL A 250 -6.42 -8.80 -1.38
N PHE A 251 -5.31 -8.18 -1.03
CA PHE A 251 -5.24 -7.18 0.04
C PHE A 251 -4.94 -5.81 -0.54
N ASP A 252 -5.38 -4.78 0.18
CA ASP A 252 -5.00 -3.40 -0.07
C ASP A 252 -4.93 -2.71 1.28
N VAL A 253 -4.84 -1.38 1.27
CA VAL A 253 -4.80 -0.60 2.51
C VAL A 253 -5.82 0.51 2.43
N ASP A 254 -6.33 0.91 3.59
CA ASP A 254 -7.18 2.09 3.68
C ASP A 254 -6.29 3.32 3.68
N GLN A 255 -6.89 4.50 3.89
CA GLN A 255 -6.11 5.73 3.84
C GLN A 255 -5.07 5.81 4.94
N GLN A 256 -5.26 5.09 6.03
CA GLN A 256 -4.30 5.08 7.14
C GLN A 256 -3.32 3.92 7.06
N GLY A 257 -3.33 3.17 5.96
CA GLY A 257 -2.40 2.07 5.79
C GLY A 257 -2.79 0.77 6.45
N ARG A 258 -4.03 0.66 6.94
CA ARG A 258 -4.51 -0.56 7.57
C ARG A 258 -5.09 -1.51 6.52
N PRO A 259 -4.93 -2.82 6.71
CA PRO A 259 -5.33 -3.77 5.66
C PRO A 259 -6.82 -3.73 5.37
N VAL A 260 -7.15 -3.85 4.08
CA VAL A 260 -8.50 -4.12 3.60
C VAL A 260 -8.40 -5.30 2.65
N MET A 261 -9.56 -5.88 2.32
CA MET A 261 -9.59 -7.10 1.53
C MET A 261 -10.61 -7.01 0.39
N ARG A 262 -10.28 -7.68 -0.71
CA ARG A 262 -11.17 -7.81 -1.87
CA ARG A 262 -11.16 -7.82 -1.88
C ARG A 262 -11.04 -9.26 -2.35
N TYR A 263 -11.68 -10.18 -1.60
CA TYR A 263 -11.46 -11.61 -1.79
C TYR A 263 -12.77 -12.38 -1.89
N ILE A 264 -12.80 -13.34 -2.81
CA ILE A 264 -13.82 -14.38 -2.85
C ILE A 264 -13.23 -15.58 -3.55
N ASP A 265 -13.48 -16.78 -3.00
CA ASP A 265 -12.80 -17.97 -3.52
C ASP A 265 -13.33 -18.39 -4.88
N GLN A 266 -14.58 -18.05 -5.21
CA GLN A 266 -15.17 -18.50 -6.46
C GLN A 266 -14.66 -17.72 -7.67
N PHE A 267 -14.34 -16.44 -7.50
CA PHE A 267 -14.03 -15.59 -8.65
C PHE A 267 -12.54 -15.28 -8.81
N VAL A 268 -11.73 -15.45 -7.76
CA VAL A 268 -10.29 -15.30 -7.93
C VAL A 268 -9.75 -16.45 -8.76
N GLN A 269 -8.81 -16.15 -9.65
CA GLN A 269 -8.29 -17.12 -10.62
C GLN A 269 -6.77 -17.16 -10.51
N PRO A 270 -6.23 -17.91 -9.55
CA PRO A 270 -4.77 -18.06 -9.45
C PRO A 270 -4.16 -18.54 -10.75
N LYS A 271 -3.09 -17.88 -11.17
CA LYS A 271 -2.50 -18.17 -12.46
C LYS A 271 -1.57 -19.37 -12.45
N ASP A 272 -1.13 -19.85 -11.28
CA ASP A 272 -0.17 -20.94 -11.25
C ASP A 272 -0.20 -21.62 -9.88
N PHE A 273 0.73 -22.55 -9.69
CA PHE A 273 0.81 -23.35 -8.47
C PHE A 273 1.17 -22.50 -7.26
N GLU A 274 1.94 -21.43 -7.46
CA GLU A 274 2.29 -20.55 -6.35
C GLU A 274 1.07 -19.79 -5.85
N GLU A 275 0.36 -19.12 -6.75
CA GLU A 275 -0.84 -18.38 -6.35
C GLU A 275 -1.92 -19.31 -5.80
N GLY A 276 -2.08 -20.48 -6.41
CA GLY A 276 -3.18 -21.36 -6.04
C GLY A 276 -3.01 -21.99 -4.67
N VAL A 277 -1.80 -22.42 -4.34
CA VAL A 277 -1.55 -23.01 -3.02
C VAL A 277 -1.72 -21.96 -1.93
N TRP A 278 -1.19 -20.76 -2.15
CA TRP A 278 -1.33 -19.69 -1.16
C TRP A 278 -2.81 -19.35 -0.93
N LEU A 279 -3.59 -19.27 -2.00
CA LEU A 279 -5.00 -18.94 -1.85
C LEU A 279 -5.76 -20.03 -1.10
N SER A 280 -5.39 -21.30 -1.32
CA SER A 280 -6.05 -22.39 -0.61
C SER A 280 -5.72 -22.35 0.88
N GLU A 281 -4.51 -21.92 1.24
CA GLU A 281 -4.17 -21.74 2.65
C GLU A 281 -4.86 -20.51 3.22
N LEU A 282 -4.91 -19.42 2.45
CA LEU A 282 -5.64 -18.24 2.88
C LEU A 282 -7.10 -18.57 3.17
N SER A 283 -7.74 -19.33 2.27
CA SER A 283 -9.14 -19.71 2.47
C SER A 283 -9.32 -20.46 3.78
N ASP A 284 -8.45 -21.43 4.05
CA ASP A 284 -8.55 -22.19 5.30
CA ASP A 284 -8.54 -22.19 5.30
C ASP A 284 -8.34 -21.28 6.51
N ALA A 285 -7.39 -20.35 6.42
CA ALA A 285 -7.12 -19.46 7.55
C ALA A 285 -8.29 -18.53 7.83
N ILE A 286 -9.07 -18.18 6.79
CA ILE A 286 -10.26 -17.36 7.01
C ILE A 286 -11.39 -18.19 7.61
N GLU A 287 -11.66 -19.35 7.00
CA GLU A 287 -12.84 -20.13 7.37
C GLU A 287 -12.73 -20.70 8.79
N THR A 288 -11.53 -20.90 9.30
CA THR A 288 -11.34 -21.45 10.64
C THR A 288 -11.05 -20.38 11.70
N SER A 289 -11.21 -19.10 11.35
CA SER A 289 -10.84 -18.04 12.28
C SER A 289 -11.75 -18.05 13.51
N LYS A 290 -11.15 -17.81 14.68
CA LYS A 290 -11.90 -17.68 15.92
C LYS A 290 -12.73 -16.41 16.00
N GLY A 291 -12.47 -15.44 15.12
CA GLY A 291 -13.11 -14.14 15.20
C GLY A 291 -14.41 -14.01 14.46
N ILE A 292 -14.85 -15.08 13.79
CA ILE A 292 -16.08 -15.04 13.02
C ILE A 292 -17.28 -14.86 13.94
N LEU A 293 -18.20 -14.00 13.55
CA LEU A 293 -19.45 -13.79 14.27
C LEU A 293 -20.56 -14.61 13.61
N SER A 294 -21.47 -15.12 14.43
CA SER A 294 -22.66 -15.82 13.96
C SER A 294 -23.87 -14.99 14.39
N VAL A 295 -24.52 -14.34 13.43
CA VAL A 295 -25.53 -13.33 13.71
C VAL A 295 -26.86 -13.79 13.13
N PRO A 296 -27.87 -14.06 13.96
CA PRO A 296 -29.22 -14.27 13.42
C PRO A 296 -29.79 -12.97 12.87
N VAL A 297 -30.51 -13.09 11.75
CA VAL A 297 -31.16 -11.93 11.14
C VAL A 297 -32.66 -12.21 11.04
N PRO A 298 -33.44 -11.82 12.04
CA PRO A 298 -34.88 -12.10 12.00
C PRO A 298 -35.57 -11.34 10.86
N VAL A 299 -36.78 -11.79 10.54
CA VAL A 299 -37.56 -11.17 9.48
C VAL A 299 -37.77 -9.69 9.79
N GLY A 300 -37.43 -8.83 8.82
CA GLY A 300 -37.53 -7.40 8.98
C GLY A 300 -36.23 -6.70 9.32
N LYS A 301 -35.18 -7.44 9.65
CA LYS A 301 -33.89 -6.87 9.97
C LYS A 301 -32.96 -6.99 8.77
N PHE A 302 -32.02 -6.05 8.66
CA PHE A 302 -31.02 -6.14 7.61
C PHE A 302 -29.66 -5.70 8.12
N LEU A 303 -28.63 -6.42 7.70
CA LEU A 303 -27.26 -6.00 7.95
C LEU A 303 -26.82 -4.98 6.90
N LEU A 304 -26.04 -4.01 7.35
CA LEU A 304 -25.44 -3.00 6.47
C LEU A 304 -24.00 -2.84 6.93
N ILE A 305 -23.05 -3.31 6.13
CA ILE A 305 -21.67 -3.46 6.58
C ILE A 305 -20.72 -2.80 5.60
N ASN A 306 -19.57 -2.38 6.11
CA ASN A 306 -18.48 -1.85 5.29
C ASN A 306 -17.76 -3.02 4.63
N ASN A 307 -17.91 -3.15 3.32
CA ASN A 307 -17.40 -4.27 2.55
C ASN A 307 -15.88 -4.30 2.43
N LEU A 308 -15.18 -3.29 2.95
CA LEU A 308 -13.73 -3.24 2.81
C LEU A 308 -12.99 -3.92 3.95
N PHE A 309 -13.51 -3.88 5.18
CA PHE A 309 -12.87 -4.58 6.27
C PHE A 309 -13.79 -5.52 7.02
N TRP A 310 -15.00 -5.76 6.51
CA TRP A 310 -15.84 -6.88 6.92
C TRP A 310 -15.95 -7.87 5.76
N LEU A 311 -15.77 -9.14 6.07
CA LEU A 311 -16.19 -10.23 5.18
C LEU A 311 -17.49 -10.81 5.71
N HIS A 312 -18.25 -11.43 4.82
CA HIS A 312 -19.54 -11.98 5.22
C HIS A 312 -19.79 -13.30 4.50
N GLY A 313 -20.63 -14.12 5.13
CA GLY A 313 -21.00 -15.42 4.60
C GLY A 313 -22.29 -15.88 5.22
N ARG A 314 -22.52 -17.19 5.16
CA ARG A 314 -23.76 -17.75 5.67
C ARG A 314 -23.51 -19.15 6.22
N ASP A 315 -24.05 -19.41 7.42
CA ASP A 315 -23.86 -20.68 8.08
C ASP A 315 -24.70 -21.77 7.42
N ARG A 316 -24.38 -23.01 7.75
CA ARG A 316 -25.19 -24.13 7.30
C ARG A 316 -26.59 -24.03 7.90
N PHE A 317 -27.54 -24.69 7.26
CA PHE A 317 -28.88 -24.80 7.82
C PHE A 317 -29.45 -26.19 7.52
N THR A 318 -30.50 -26.54 8.24
CA THR A 318 -31.09 -27.86 8.12
C THR A 318 -32.02 -27.91 6.92
N PRO A 319 -31.91 -28.94 6.07
CA PRO A 319 -32.91 -29.12 5.01
C PRO A 319 -34.25 -29.54 5.61
N HIS A 320 -35.32 -28.96 5.08
CA HIS A 320 -36.65 -29.24 5.61
C HIS A 320 -37.68 -29.09 4.50
N PRO A 321 -38.63 -30.02 4.36
CA PRO A 321 -39.58 -29.93 3.24
C PRO A 321 -40.41 -28.66 3.21
N ASP A 322 -40.71 -28.07 4.38
CA ASP A 322 -41.53 -26.87 4.47
C ASP A 322 -40.69 -25.62 4.67
N LEU A 323 -39.41 -25.68 4.28
CA LEU A 323 -38.50 -24.57 4.46
C LEU A 323 -38.74 -23.46 3.41
N ARG A 324 -38.71 -22.21 3.87
CA ARG A 324 -38.73 -21.06 2.98
C ARG A 324 -37.95 -19.90 3.61
N ARG A 325 -36.93 -19.42 2.90
CA ARG A 325 -36.22 -18.21 3.28
C ARG A 325 -36.18 -17.26 2.09
N GLU A 326 -36.53 -15.99 2.33
CA GLU A 326 -36.46 -14.96 1.30
C GLU A 326 -35.51 -13.85 1.75
N LEU A 327 -34.64 -13.44 0.84
CA LEU A 327 -33.61 -12.44 1.13
C LEU A 327 -33.71 -11.31 0.12
N MET A 328 -33.32 -10.11 0.54
CA MET A 328 -33.12 -8.98 -0.36
C MET A 328 -31.73 -8.42 -0.16
N ARG A 329 -31.06 -8.08 -1.26
CA ARG A 329 -29.71 -7.53 -1.19
C ARG A 329 -29.62 -6.24 -1.99
N GLN A 330 -28.76 -5.33 -1.51
CA GLN A 330 -28.29 -4.20 -2.30
C GLN A 330 -26.80 -3.99 -2.01
N ARG A 331 -26.09 -3.49 -3.02
CA ARG A 331 -24.67 -3.21 -2.91
C ARG A 331 -24.39 -1.87 -3.59
N GLY A 332 -23.50 -1.08 -3.02
CA GLY A 332 -23.22 0.21 -3.58
C GLY A 332 -21.94 0.82 -3.07
N TYR A 333 -21.78 2.11 -3.38
CA TYR A 333 -20.61 2.89 -2.97
C TYR A 333 -21.05 3.99 -2.01
N PHE A 334 -20.12 4.40 -1.14
CA PHE A 334 -20.38 5.53 -0.25
C PHE A 334 -20.37 6.84 -1.05
N ALA A 335 -21.17 7.80 -0.59
CA ALA A 335 -21.20 9.14 -1.18
C ALA A 335 -21.79 10.08 -0.15
N TYR A 336 -21.02 11.10 0.24
CA TYR A 336 -21.36 11.91 1.40
C TYR A 336 -20.56 13.21 1.34
N ALA A 337 -21.05 14.21 2.08
CA ALA A 337 -20.37 15.49 2.19
C ALA A 337 -19.35 15.47 3.30
N SER A 338 -18.22 16.15 3.06
CA SER A 338 -17.25 16.41 4.12
C SER A 338 -16.45 17.64 3.75
N ASN A 339 -15.87 18.27 4.77
CA ASN A 339 -14.98 19.40 4.56
C ASN A 339 -13.64 18.89 4.06
N HIS A 340 -13.36 19.11 2.77
CA HIS A 340 -12.10 18.68 2.19
C HIS A 340 -11.77 19.58 1.00
N TYR A 341 -10.55 19.44 0.50
CA TYR A 341 -10.02 20.37 -0.48
C TYR A 341 -10.55 20.13 -1.88
N GLN A 342 -10.60 21.21 -2.65
CA GLN A 342 -10.93 21.17 -4.07
C GLN A 342 -10.11 22.24 -4.77
N THR A 343 -10.22 22.31 -6.09
CA THR A 343 -9.54 23.32 -6.88
C THR A 343 -10.56 24.13 -7.68
N HIS A 344 -10.12 25.32 -8.12
CA HIS A 344 -10.89 26.19 -8.99
C HIS A 344 -12.16 26.70 -8.31
N GLN A 345 -13.13 27.14 -9.10
CA GLN A 345 -14.31 27.79 -8.55
C GLN A 345 -15.57 27.43 -9.31
N TYR B 38 35.93 -13.60 3.63
CA TYR B 38 35.53 -14.04 2.30
C TYR B 38 36.77 -14.18 1.40
N SER B 39 36.54 -14.64 0.17
CA SER B 39 37.63 -14.79 -0.80
C SER B 39 37.80 -13.49 -1.56
N GLY B 40 38.91 -12.80 -1.32
CA GLY B 40 39.26 -11.61 -2.06
C GLY B 40 38.87 -10.30 -1.40
N PHE B 41 38.13 -10.34 -0.29
CA PHE B 41 37.71 -9.12 0.39
C PHE B 41 37.33 -9.44 1.82
N THR B 42 37.25 -8.39 2.63
CA THR B 42 36.79 -8.49 4.00
C THR B 42 35.56 -7.61 4.20
N LEU B 43 34.79 -7.93 5.25
CA LEU B 43 33.51 -7.28 5.51
C LEU B 43 33.39 -7.05 7.01
N THR B 44 33.13 -5.80 7.41
CA THR B 44 33.03 -5.47 8.82
C THR B 44 32.02 -4.35 9.02
N PRO B 45 31.28 -4.35 10.13
CA PRO B 45 30.30 -3.29 10.37
C PRO B 45 30.97 -1.93 10.58
N SER B 46 30.25 -0.89 10.17
CA SER B 46 30.76 0.48 10.27
C SER B 46 30.70 0.99 11.71
N ALA B 47 31.43 2.07 11.96
CA ALA B 47 31.37 2.75 13.25
C ALA B 47 30.07 3.49 13.44
N GLN B 48 29.38 3.86 12.37
CA GLN B 48 28.16 4.65 12.47
C GLN B 48 26.92 3.79 12.72
N SER B 49 26.91 2.55 12.23
CA SER B 49 25.72 1.72 12.29
C SER B 49 26.00 0.29 11.89
N PRO B 50 25.42 -0.70 12.58
CA PRO B 50 25.54 -2.09 12.12
C PRO B 50 24.80 -2.35 10.81
N ARG B 51 23.92 -1.44 10.39
CA ARG B 51 23.24 -1.59 9.11
C ARG B 51 24.14 -1.30 7.93
N LEU B 52 25.23 -0.57 8.13
CA LEU B 52 26.15 -0.17 7.07
C LEU B 52 27.41 -1.01 7.19
N LEU B 53 27.68 -1.83 6.17
CA LEU B 53 28.82 -2.73 6.18
C LEU B 53 29.94 -2.18 5.29
N GLU B 54 31.17 -2.28 5.77
CA GLU B 54 32.34 -1.84 5.02
C GLU B 54 32.99 -3.03 4.34
N LEU B 55 33.09 -2.97 3.01
CA LEU B 55 33.66 -4.04 2.20
C LEU B 55 34.97 -3.53 1.60
N THR B 56 36.06 -4.25 1.85
CA THR B 56 37.38 -3.85 1.39
C THR B 56 38.01 -4.97 0.59
N PHE B 57 38.32 -4.68 -0.67
CA PHE B 57 39.04 -5.63 -1.51
C PHE B 57 40.52 -5.65 -1.14
N THR B 58 41.08 -6.84 -1.00
CA THR B 58 42.48 -6.97 -0.63
C THR B 58 43.39 -6.37 -1.70
N GLU B 59 44.65 -6.16 -1.32
CA GLU B 59 45.65 -5.64 -2.25
C GLU B 59 45.83 -6.56 -3.45
N GLN B 60 45.83 -7.88 -3.21
CA GLN B 60 46.02 -8.83 -4.31
C GLN B 60 44.85 -8.78 -5.28
N THR B 61 43.62 -8.75 -4.76
CA THR B 61 42.44 -8.67 -5.64
C THR B 61 42.47 -7.39 -6.46
N THR B 62 42.76 -6.26 -5.82
CA THR B 62 42.80 -4.98 -6.50
C THR B 62 43.83 -4.97 -7.61
N LYS B 63 45.01 -5.56 -7.37
CA LYS B 63 46.06 -5.54 -8.37
C LYS B 63 45.71 -6.43 -9.56
N GLN B 64 45.18 -7.63 -9.28
CA GLN B 64 44.74 -8.51 -10.37
C GLN B 64 43.60 -7.90 -11.17
N PHE B 65 42.63 -7.29 -10.49
CA PHE B 65 41.50 -6.67 -11.19
C PHE B 65 41.97 -5.60 -12.15
N LEU B 66 42.81 -4.68 -11.67
CA LEU B 66 43.26 -3.57 -12.51
C LEU B 66 44.11 -4.06 -13.67
N GLU B 67 44.93 -5.09 -13.44
CA GLU B 67 45.69 -5.69 -14.53
C GLU B 67 44.77 -6.28 -15.58
N GLN B 68 43.76 -7.04 -15.14
CA GLN B 68 42.90 -7.76 -16.08
C GLN B 68 41.92 -6.85 -16.82
N VAL B 69 41.72 -5.61 -16.37
CA VAL B 69 40.83 -4.68 -17.05
C VAL B 69 41.59 -3.52 -17.67
N ALA B 70 42.92 -3.60 -17.74
CA ALA B 70 43.71 -2.50 -18.25
C ALA B 70 43.45 -2.24 -19.74
N GLU B 71 43.07 -3.26 -20.49
CA GLU B 71 42.92 -3.06 -21.93
C GLU B 71 41.65 -2.30 -22.30
N TRP B 72 40.73 -2.09 -21.36
CA TRP B 72 39.54 -1.29 -21.62
C TRP B 72 39.56 -0.03 -20.77
N PRO B 73 39.94 1.11 -21.34
CA PRO B 73 39.87 2.37 -20.60
C PRO B 73 38.41 2.78 -20.36
N VAL B 74 38.25 3.73 -19.42
CA VAL B 74 36.91 4.17 -19.01
C VAL B 74 36.07 4.58 -20.21
N GLN B 75 36.70 5.22 -21.21
CA GLN B 75 35.99 5.67 -22.40
C GLN B 75 35.45 4.49 -23.21
N ALA B 76 36.11 3.34 -23.15
CA ALA B 76 35.53 2.14 -23.75
C ALA B 76 34.30 1.70 -22.99
N LEU B 77 34.33 1.78 -21.65
CA LEU B 77 33.14 1.50 -20.86
C LEU B 77 32.02 2.47 -21.17
N GLU B 78 32.35 3.73 -21.46
CA GLU B 78 31.32 4.72 -21.77
C GLU B 78 30.62 4.41 -23.09
N TYR B 79 31.36 3.88 -24.07
CA TYR B 79 30.83 3.67 -25.41
C TYR B 79 30.16 2.31 -25.57
N LYS B 80 30.66 1.27 -24.90
CA LYS B 80 30.17 -0.10 -25.06
C LYS B 80 29.67 -0.58 -23.71
N SER B 81 28.36 -0.52 -23.49
CA SER B 81 27.82 -0.80 -22.16
C SER B 81 28.04 -2.25 -21.72
N PHE B 82 28.22 -3.20 -22.66
CA PHE B 82 28.45 -4.57 -22.22
C PHE B 82 29.79 -4.72 -21.52
N LEU B 83 30.75 -3.82 -21.79
CA LEU B 83 32.03 -3.86 -21.09
C LEU B 83 31.89 -3.55 -19.60
N ARG B 84 30.82 -2.84 -19.23
CA ARG B 84 30.54 -2.64 -17.80
C ARG B 84 30.22 -3.97 -17.13
N PHE B 85 29.56 -4.87 -17.83
CA PHE B 85 29.27 -6.19 -17.27
C PHE B 85 30.48 -7.12 -17.40
N ARG B 86 31.34 -6.89 -18.39
CA ARG B 86 32.56 -7.68 -18.52
C ARG B 86 33.50 -7.45 -17.35
N VAL B 87 33.71 -6.18 -16.97
CA VAL B 87 34.58 -5.91 -15.83
C VAL B 87 33.93 -6.38 -14.53
N ALA B 88 32.60 -6.40 -14.47
CA ALA B 88 31.91 -6.93 -13.30
C ALA B 88 32.21 -8.41 -13.12
N LYS B 89 32.14 -9.19 -14.21
CA LYS B 89 32.42 -10.62 -14.12
C LYS B 89 33.87 -10.86 -13.71
N ILE B 90 34.80 -10.05 -14.22
CA ILE B 90 36.21 -10.21 -13.88
C ILE B 90 36.42 -10.02 -12.38
N LEU B 91 35.77 -9.01 -11.80
CA LEU B 91 35.93 -8.77 -10.36
C LEU B 91 35.31 -9.91 -9.54
N ASP B 92 34.11 -10.34 -9.90
CA ASP B 92 33.46 -11.42 -9.16
C ASP B 92 34.22 -12.73 -9.27
N ASP B 93 34.73 -13.05 -10.47
CA ASP B 93 35.53 -14.26 -10.63
C ASP B 93 36.77 -14.24 -9.74
N LEU B 94 37.41 -13.07 -9.61
CA LEU B 94 38.58 -12.95 -8.74
C LEU B 94 38.22 -13.16 -7.28
N CYS B 95 36.95 -12.96 -6.90
CA CYS B 95 36.47 -13.21 -5.55
C CYS B 95 35.82 -14.58 -5.42
N ALA B 96 36.20 -15.53 -6.27
CA ALA B 96 35.68 -16.90 -6.25
C ALA B 96 34.15 -16.91 -6.34
N ASN B 97 33.59 -15.94 -7.04
CA ASN B 97 32.15 -15.80 -7.23
C ASN B 97 31.40 -15.66 -5.91
N GLN B 98 32.08 -15.15 -4.88
CA GLN B 98 31.42 -14.86 -3.61
C GLN B 98 30.96 -13.43 -3.50
N LEU B 99 31.42 -12.53 -4.39
CA LEU B 99 31.10 -11.12 -4.27
C LEU B 99 29.65 -10.84 -4.66
N GLN B 100 29.25 -11.30 -5.85
CA GLN B 100 27.90 -11.01 -6.33
C GLN B 100 26.81 -11.47 -5.37
N PRO B 101 26.79 -12.71 -4.87
CA PRO B 101 25.73 -13.07 -3.92
C PRO B 101 25.80 -12.27 -2.61
N LEU B 102 27.00 -11.89 -2.17
CA LEU B 102 27.10 -11.10 -0.95
C LEU B 102 26.54 -9.69 -1.16
N LEU B 103 26.89 -9.05 -2.27
CA LEU B 103 26.36 -7.73 -2.58
C LEU B 103 24.83 -7.75 -2.63
N LEU B 104 24.27 -8.74 -3.33
CA LEU B 104 22.82 -8.83 -3.46
C LEU B 104 22.16 -9.08 -2.10
N LYS B 105 22.71 -10.00 -1.32
CA LYS B 105 22.13 -10.31 -0.01
C LYS B 105 22.13 -9.08 0.89
N THR B 106 23.20 -8.29 0.86
CA THR B 106 23.29 -7.11 1.72
C THR B 106 22.31 -6.03 1.27
N LEU B 107 22.28 -5.75 -0.03
CA LEU B 107 21.47 -4.62 -0.51
C LEU B 107 19.98 -4.91 -0.42
N LEU B 108 19.57 -6.16 -0.57
CA LEU B 108 18.16 -6.53 -0.52
C LEU B 108 17.68 -6.83 0.89
N ASN B 109 18.58 -6.92 1.86
CA ASN B 109 18.23 -7.21 3.24
C ASN B 109 17.71 -5.94 3.91
N ARG B 110 16.45 -5.96 4.35
CA ARG B 110 15.85 -4.78 4.97
C ARG B 110 16.63 -4.31 6.19
N ALA B 111 17.24 -5.24 6.92
CA ALA B 111 17.98 -4.86 8.12
C ALA B 111 19.28 -4.13 7.81
N GLU B 112 19.80 -4.25 6.58
CA GLU B 112 21.07 -3.66 6.22
C GLU B 112 20.84 -2.72 5.04
N GLY B 113 21.19 -3.11 3.83
CA GLY B 113 20.86 -2.34 2.65
C GLY B 113 21.85 -1.27 2.25
N ALA B 114 23.03 -1.22 2.88
CA ALA B 114 23.99 -0.16 2.60
C ALA B 114 25.40 -0.71 2.77
N LEU B 115 26.29 -0.31 1.84
CA LEU B 115 27.69 -0.69 1.90
C LEU B 115 28.58 0.52 1.68
N LEU B 116 29.75 0.50 2.33
CA LEU B 116 30.85 1.41 2.04
C LEU B 116 32.01 0.56 1.53
N ILE B 117 32.45 0.84 0.31
CA ILE B 117 33.30 -0.10 -0.43
C ILE B 117 34.58 0.61 -0.84
N ASN B 118 35.70 -0.10 -0.75
CA ASN B 118 36.99 0.41 -1.19
C ASN B 118 37.88 -0.77 -1.55
N ALA B 119 39.01 -0.45 -2.18
CA ALA B 119 40.00 -1.45 -2.59
C ALA B 119 41.37 -0.97 -2.16
N VAL B 120 42.10 -1.83 -1.45
CA VAL B 120 43.42 -1.46 -0.92
C VAL B 120 44.34 -1.02 -2.05
N GLY B 121 44.96 0.14 -1.88
CA GLY B 121 45.92 0.66 -2.84
C GLY B 121 45.34 1.67 -3.82
N VAL B 122 44.03 1.87 -3.83
CA VAL B 122 43.37 2.83 -4.69
C VAL B 122 42.77 3.90 -3.79
N ASP B 123 43.43 5.05 -3.69
CA ASP B 123 43.04 6.04 -2.70
C ASP B 123 43.57 7.43 -3.05
N ASP B 124 43.79 7.70 -4.33
CA ASP B 124 44.36 8.96 -4.73
C ASP B 124 43.70 9.45 -6.02
N VAL B 125 43.58 10.77 -6.14
CA VAL B 125 42.85 11.38 -7.26
C VAL B 125 43.45 10.99 -8.61
N LYS B 126 44.77 10.77 -8.64
CA LYS B 126 45.42 10.30 -9.87
C LYS B 126 44.94 8.93 -10.32
N GLN B 127 44.30 8.15 -9.43
CA GLN B 127 43.73 6.87 -9.81
C GLN B 127 42.23 6.96 -10.11
N ALA B 128 41.75 8.12 -10.57
CA ALA B 128 40.32 8.32 -10.78
C ALA B 128 39.75 7.30 -11.76
N ASP B 129 40.46 7.04 -12.87
CA ASP B 129 39.99 6.06 -13.83
C ASP B 129 39.84 4.69 -13.19
N GLU B 130 40.82 4.27 -12.38
CA GLU B 130 40.73 2.97 -11.72
C GLU B 130 39.54 2.92 -10.76
N MET B 131 39.24 4.05 -10.10
CA MET B 131 38.08 4.11 -9.22
C MET B 131 36.78 3.96 -9.98
N VAL B 132 36.67 4.60 -11.14
CA VAL B 132 35.46 4.47 -11.95
C VAL B 132 35.28 3.03 -12.39
N LYS B 133 36.37 2.37 -12.78
CA LYS B 133 36.29 0.97 -13.19
C LYS B 133 35.81 0.10 -12.04
N LEU B 134 36.35 0.31 -10.84
CA LEU B 134 35.99 -0.51 -9.69
C LEU B 134 34.51 -0.35 -9.34
N ALA B 135 34.04 0.89 -9.25
CA ALA B 135 32.62 1.13 -8.94
C ALA B 135 31.72 0.58 -10.03
N THR B 136 32.14 0.72 -11.29
CA THR B 136 31.37 0.17 -12.40
C THR B 136 31.22 -1.34 -12.27
N ALA B 137 32.32 -2.04 -11.96
CA ALA B 137 32.28 -3.49 -11.84
C ALA B 137 31.36 -3.93 -10.70
N VAL B 138 31.42 -3.25 -9.56
CA VAL B 138 30.58 -3.63 -8.43
C VAL B 138 29.11 -3.40 -8.76
N ALA B 139 28.80 -2.24 -9.35
CA ALA B 139 27.41 -1.88 -9.59
C ALA B 139 26.75 -2.84 -10.58
N HIS B 140 27.47 -3.26 -11.61
CA HIS B 140 26.89 -4.08 -12.65
C HIS B 140 26.93 -5.57 -12.32
N LEU B 141 27.33 -5.93 -11.10
CA LEU B 141 27.05 -7.25 -10.57
C LEU B 141 25.65 -7.35 -9.99
N ILE B 142 25.03 -6.22 -9.65
CA ILE B 142 23.73 -6.19 -9.00
C ILE B 142 22.67 -5.49 -9.82
N GLY B 143 23.03 -4.90 -10.96
CA GLY B 143 22.05 -4.21 -11.78
C GLY B 143 22.70 -3.48 -12.94
N ARG B 144 22.13 -2.34 -13.29
CA ARG B 144 22.66 -1.50 -14.36
C ARG B 144 22.48 -0.03 -13.99
N SER B 145 23.52 0.76 -14.24
CA SER B 145 23.48 2.20 -13.96
C SER B 145 22.84 2.96 -15.12
N ASN B 146 21.98 3.91 -14.79
CA ASN B 146 21.18 4.63 -15.78
C ASN B 146 21.94 5.82 -16.34
N PHE B 147 21.51 6.24 -17.53
CA PHE B 147 21.96 7.48 -18.15
C PHE B 147 21.88 8.64 -17.18
N ASP B 148 22.95 9.44 -17.12
CA ASP B 148 23.03 10.62 -16.25
C ASP B 148 22.99 11.85 -17.14
N ALA B 149 21.92 12.65 -16.99
CA ALA B 149 21.72 13.81 -17.84
C ALA B 149 22.76 14.89 -17.62
N MET B 150 23.45 14.88 -16.47
CA MET B 150 24.44 15.92 -16.20
C MET B 150 25.74 15.69 -16.97
N SER B 151 26.05 14.44 -17.29
CA SER B 151 27.27 14.12 -18.03
C SER B 151 27.01 13.51 -19.40
N GLY B 152 25.79 13.05 -19.68
CA GLY B 152 25.55 12.29 -20.88
C GLY B 152 26.14 10.90 -20.90
N GLN B 153 26.58 10.39 -19.75
CA GLN B 153 27.19 9.07 -19.63
C GLN B 153 26.48 8.30 -18.53
N TYR B 154 26.89 7.04 -18.34
CA TYR B 154 26.31 6.20 -17.29
C TYR B 154 26.81 6.57 -15.90
N TYR B 155 27.78 7.48 -15.80
CA TYR B 155 28.23 8.03 -14.53
C TYR B 155 28.50 9.51 -14.73
N ALA B 156 28.64 10.23 -13.62
CA ALA B 156 28.96 11.64 -13.68
C ALA B 156 29.98 11.97 -12.61
N ARG B 157 30.99 12.77 -13.00
CA ARG B 157 31.98 13.28 -12.07
C ARG B 157 31.78 14.79 -11.92
N PHE B 158 31.82 15.27 -10.68
CA PHE B 158 31.65 16.69 -10.38
C PHE B 158 32.80 17.15 -9.50
N VAL B 159 33.28 18.37 -9.74
CA VAL B 159 34.31 19.00 -8.94
C VAL B 159 33.69 20.16 -8.18
N VAL B 160 33.92 20.19 -6.86
CA VAL B 160 33.46 21.27 -6.01
C VAL B 160 34.66 22.15 -5.66
N LYS B 161 34.52 23.45 -5.89
CA LYS B 161 35.55 24.42 -5.54
C LYS B 161 34.88 25.67 -4.99
N ASN B 162 35.66 26.47 -4.27
CA ASN B 162 35.25 27.79 -3.81
C ASN B 162 33.94 27.76 -3.04
N HIS B 174 28.44 24.54 2.79
CA HIS B 174 28.20 25.54 3.82
C HIS B 174 26.75 25.51 4.25
N ARG B 175 25.93 24.76 3.51
CA ARG B 175 24.59 24.42 3.95
C ARG B 175 24.33 22.96 3.65
N VAL B 176 23.52 22.34 4.50
CA VAL B 176 23.21 20.92 4.37
C VAL B 176 22.46 20.66 3.08
N MET B 177 22.79 19.56 2.40
CA MET B 177 21.93 19.01 1.36
C MET B 177 20.98 18.02 2.02
N GLU B 178 19.69 18.31 1.96
CA GLU B 178 18.70 17.60 2.77
C GLU B 178 18.57 16.15 2.33
N LEU B 179 18.18 15.30 3.29
CA LEU B 179 17.98 13.88 3.03
C LEU B 179 16.87 13.67 2.01
N HIS B 180 17.08 12.72 1.10
CA HIS B 180 16.14 12.48 0.01
C HIS B 180 16.41 11.13 -0.62
N ASN B 181 15.50 10.73 -1.51
CA ASN B 181 15.69 9.62 -2.42
C ASN B 181 15.95 10.16 -3.83
N ASP B 182 16.70 9.39 -4.61
CA ASP B 182 16.94 9.76 -6.00
C ASP B 182 15.86 9.22 -6.92
N GLY B 183 15.75 9.84 -8.09
CA GLY B 183 14.88 9.33 -9.14
C GLY B 183 13.40 9.50 -8.92
N THR B 184 12.99 10.51 -8.14
CA THR B 184 11.59 10.68 -7.82
C THR B 184 10.78 11.30 -8.95
N TYR B 185 11.43 11.83 -9.99
CA TYR B 185 10.72 12.58 -11.02
C TYR B 185 10.57 11.79 -12.32
N VAL B 186 10.81 10.48 -12.31
CA VAL B 186 10.50 9.61 -13.44
C VAL B 186 9.64 8.45 -12.95
N GLU B 187 9.08 7.72 -13.90
CA GLU B 187 8.18 6.61 -13.56
C GLU B 187 8.95 5.41 -13.04
N GLU B 188 10.11 5.11 -13.62
CA GLU B 188 10.88 3.94 -13.22
C GLU B 188 11.51 4.14 -11.85
N ILE B 189 11.62 3.04 -11.11
CA ILE B 189 12.17 3.06 -9.76
C ILE B 189 13.69 2.99 -9.82
N THR B 190 14.35 3.90 -9.11
CA THR B 190 15.79 3.82 -8.89
C THR B 190 16.03 2.98 -7.63
N ASP B 191 16.70 1.83 -7.80
CA ASP B 191 16.91 0.93 -6.68
C ASP B 191 18.16 1.24 -5.86
N TYR B 192 19.20 1.79 -6.48
CA TYR B 192 20.45 2.01 -5.74
C TYR B 192 21.06 3.35 -6.12
N VAL B 193 21.83 3.89 -5.17
CA VAL B 193 22.59 5.11 -5.33
C VAL B 193 24.05 4.81 -4.99
N LEU B 194 24.96 5.23 -5.86
CA LEU B 194 26.39 5.02 -5.68
C LEU B 194 27.08 6.38 -5.68
N MET B 195 27.80 6.69 -4.60
CA MET B 195 28.48 7.97 -4.45
C MET B 195 29.92 7.73 -4.03
N MET B 196 30.86 8.10 -4.89
CA MET B 196 32.28 7.86 -4.68
C MET B 196 33.03 9.16 -4.48
N LYS B 197 34.00 9.15 -3.57
CA LYS B 197 34.87 10.29 -3.32
C LYS B 197 36.10 10.15 -4.19
N ILE B 198 36.26 11.07 -5.15
CA ILE B 198 37.38 11.00 -6.08
C ILE B 198 38.57 11.84 -5.60
N ASP B 199 38.31 12.98 -4.96
CA ASP B 199 39.38 13.82 -4.43
C ASP B 199 38.87 14.60 -3.23
N GLU B 200 39.80 14.97 -2.36
CA GLU B 200 39.46 15.71 -1.14
C GLU B 200 40.68 16.49 -0.67
N GLN B 201 40.57 17.83 -0.62
CA GLN B 201 41.68 18.70 -0.30
C GLN B 201 41.17 19.89 0.50
N ASN B 202 41.78 20.13 1.67
CA ASN B 202 41.40 21.20 2.58
C ASN B 202 39.90 21.19 2.86
N MET B 203 39.39 20.03 3.27
CA MET B 203 37.97 19.81 3.46
C MET B 203 37.67 19.53 4.92
N GLN B 204 36.85 20.39 5.53
CA GLN B 204 36.35 20.18 6.89
C GLN B 204 34.84 19.99 6.81
N GLY B 205 34.36 18.84 7.27
CA GLY B 205 32.95 18.51 7.17
C GLY B 205 32.60 17.88 5.84
N GLY B 206 31.32 18.02 5.48
CA GLY B 206 30.85 17.47 4.22
C GLY B 206 30.67 15.97 4.20
N ASN B 207 30.47 15.34 5.35
CA ASN B 207 30.16 13.93 5.40
C ASN B 207 28.87 13.62 4.64
N SER B 208 28.78 12.40 4.14
CA SER B 208 27.50 11.88 3.67
C SER B 208 26.56 11.68 4.85
N LEU B 209 25.31 12.11 4.69
CA LEU B 209 24.27 11.85 5.67
C LEU B 209 23.38 10.72 5.18
N LEU B 210 22.98 9.83 6.09
CA LEU B 210 22.15 8.69 5.75
C LEU B 210 21.05 8.52 6.79
N LEU B 211 19.89 8.05 6.33
CA LEU B 211 18.80 7.74 7.25
C LEU B 211 18.09 6.49 6.77
N HIS B 212 18.16 5.43 7.57
CA HIS B 212 17.40 4.22 7.32
C HIS B 212 16.00 4.40 7.92
N LEU B 213 14.97 4.08 7.14
CA LEU B 213 13.60 4.37 7.56
C LEU B 213 13.26 3.70 8.89
N ASP B 214 13.83 2.53 9.18
CA ASP B 214 13.56 1.86 10.44
C ASP B 214 14.36 2.44 11.61
N ASP B 215 15.23 3.41 11.36
CA ASP B 215 15.85 4.21 12.41
C ASP B 215 15.14 5.53 12.62
N TRP B 216 14.13 5.85 11.81
CA TRP B 216 13.45 7.13 11.85
C TRP B 216 12.32 7.06 12.87
N GLU B 217 12.46 7.81 13.97
CA GLU B 217 11.55 7.72 15.10
C GLU B 217 10.15 8.25 14.77
N HIS B 218 9.98 8.97 13.66
CA HIS B 218 8.68 9.53 13.29
C HIS B 218 8.03 8.78 12.13
N LEU B 219 8.58 7.62 11.75
CA LEU B 219 8.09 6.90 10.57
C LEU B 219 6.60 6.60 10.69
N ASP B 220 6.18 6.02 11.81
CA ASP B 220 4.78 5.60 11.93
C ASP B 220 3.83 6.79 11.93
N ASN B 221 4.23 7.90 12.54
CA ASN B 221 3.36 9.08 12.58
CA ASN B 221 3.35 9.07 12.58
C ASN B 221 3.02 9.56 11.18
N TYR B 222 3.99 9.56 10.28
CA TYR B 222 3.78 10.07 8.93
C TYR B 222 3.26 9.00 7.97
N PHE B 223 3.74 7.75 8.10
CA PHE B 223 3.25 6.69 7.23
C PHE B 223 1.76 6.46 7.41
N ARG B 224 1.23 6.66 8.62
CA ARG B 224 -0.20 6.44 8.89
C ARG B 224 -1.06 7.64 8.51
N HIS B 225 -0.47 8.75 8.08
CA HIS B 225 -1.26 9.88 7.65
C HIS B 225 -1.87 9.62 6.29
N PRO B 226 -3.12 10.03 6.04
CA PRO B 226 -3.72 9.81 4.72
C PRO B 226 -2.92 10.41 3.58
N LEU B 227 -2.19 11.51 3.81
CA LEU B 227 -1.41 12.11 2.74
C LEU B 227 -0.19 11.28 2.36
N ALA B 228 0.21 10.33 3.22
CA ALA B 228 1.29 9.41 2.86
C ALA B 228 0.95 8.63 1.60
N ARG B 229 -0.34 8.40 1.34
CA ARG B 229 -0.79 7.61 0.19
C ARG B 229 -1.30 8.47 -0.96
N ARG B 230 -1.37 9.78 -0.78
CA ARG B 230 -1.87 10.68 -1.81
C ARG B 230 -0.85 10.79 -2.93
N PRO B 231 -1.18 10.42 -4.17
CA PRO B 231 -0.27 10.68 -5.28
C PRO B 231 -0.04 12.18 -5.45
N MET B 232 1.23 12.58 -5.49
CA MET B 232 1.59 13.99 -5.61
C MET B 232 2.41 14.19 -6.88
N ARG B 233 2.41 15.43 -7.36
CA ARG B 233 3.15 15.77 -8.57
C ARG B 233 4.63 15.93 -8.25
N PHE B 234 5.47 15.33 -9.09
CA PHE B 234 6.92 15.49 -9.00
C PHE B 234 7.42 16.02 -10.34
N ALA B 235 8.24 17.07 -10.30
CA ALA B 235 8.74 17.67 -11.53
C ALA B 235 10.16 18.16 -11.34
N ALA B 236 11.05 17.75 -12.24
CA ALA B 236 12.41 18.27 -12.29
C ALA B 236 12.42 19.62 -13.01
N PRO B 237 13.39 20.48 -12.72
CA PRO B 237 13.60 21.67 -13.56
C PRO B 237 14.35 21.30 -14.82
N PRO B 238 13.93 21.82 -15.99
CA PRO B 238 14.64 21.56 -17.23
C PRO B 238 16.09 22.07 -17.20
N LYS B 244 8.43 15.29 -18.59
CA LYS B 244 7.02 15.19 -18.26
C LYS B 244 6.83 14.88 -16.77
N ASP B 245 5.90 15.58 -16.14
CA ASP B 245 5.63 15.36 -14.72
C ASP B 245 5.13 13.95 -14.48
N VAL B 246 5.45 13.42 -13.30
CA VAL B 246 4.94 12.12 -12.86
C VAL B 246 4.20 12.32 -11.55
N PHE B 247 3.35 11.35 -11.22
CA PHE B 247 2.54 11.39 -10.01
C PHE B 247 2.72 10.09 -9.26
N HIS B 248 3.12 10.19 -8.00
CA HIS B 248 3.23 9.04 -7.11
C HIS B 248 3.22 9.54 -5.68
N PRO B 249 2.85 8.70 -4.71
CA PRO B 249 2.85 9.14 -3.31
C PRO B 249 4.27 9.26 -2.77
N VAL B 250 4.37 9.94 -1.63
CA VAL B 250 5.65 10.09 -0.97
C VAL B 250 6.08 8.80 -0.29
N PHE B 251 5.12 8.00 0.18
CA PHE B 251 5.38 6.69 0.77
C PHE B 251 4.81 5.60 -0.13
N ASP B 252 5.42 4.43 -0.03
CA ASP B 252 4.91 3.20 -0.63
C ASP B 252 5.25 2.06 0.32
N VAL B 253 5.08 0.82 -0.14
CA VAL B 253 5.42 -0.34 0.67
C VAL B 253 6.27 -1.30 -0.16
N ASP B 254 7.12 -2.06 0.51
CA ASP B 254 7.85 -3.14 -0.15
C ASP B 254 6.93 -4.34 -0.27
N GLN B 255 7.47 -5.47 -0.74
CA GLN B 255 6.64 -6.65 -0.96
C GLN B 255 6.06 -7.20 0.33
N GLN B 256 6.68 -6.91 1.47
CA GLN B 256 6.20 -7.37 2.77
C GLN B 256 5.35 -6.33 3.48
N GLY B 257 5.00 -5.24 2.82
CA GLY B 257 4.17 -4.22 3.44
C GLY B 257 4.89 -3.24 4.32
N ARG B 258 6.21 -3.24 4.31
CA ARG B 258 6.98 -2.30 5.13
C ARG B 258 7.20 -1.00 4.37
N PRO B 259 7.19 0.14 5.07
CA PRO B 259 7.25 1.43 4.38
C PRO B 259 8.53 1.62 3.58
N VAL B 260 8.38 2.21 2.39
CA VAL B 260 9.49 2.74 1.61
C VAL B 260 9.14 4.17 1.23
N MET B 261 10.13 4.91 0.73
CA MET B 261 9.98 6.33 0.47
C MET B 261 10.51 6.71 -0.90
N ARG B 262 9.83 7.71 -1.51
CA ARG B 262 10.23 8.31 -2.78
CA ARG B 262 10.21 8.31 -2.78
C ARG B 262 10.06 9.82 -2.63
N TYR B 263 10.95 10.43 -1.85
CA TYR B 263 10.79 11.82 -1.43
C TYR B 263 12.04 12.65 -1.71
N ILE B 264 11.82 13.87 -2.19
CA ILE B 264 12.82 14.93 -2.23
C ILE B 264 12.10 16.26 -2.20
N ASP B 265 12.62 17.20 -1.39
CA ASP B 265 11.89 18.44 -1.16
C ASP B 265 11.90 19.35 -2.38
N GLN B 266 12.93 19.23 -3.24
CA GLN B 266 13.05 20.13 -4.38
C GLN B 266 12.09 19.78 -5.51
N PHE B 267 11.77 18.50 -5.70
CA PHE B 267 11.01 18.10 -6.88
C PHE B 267 9.54 17.78 -6.57
N VAL B 268 9.19 17.52 -5.31
CA VAL B 268 7.78 17.35 -4.97
C VAL B 268 7.09 18.70 -5.09
N GLN B 269 5.87 18.69 -5.62
CA GLN B 269 5.11 19.91 -5.92
C GLN B 269 3.74 19.81 -5.28
N PRO B 270 3.63 20.15 -4.00
CA PRO B 270 2.31 20.15 -3.34
C PRO B 270 1.31 21.01 -4.09
N LYS B 271 0.10 20.48 -4.28
CA LYS B 271 -0.90 21.15 -5.10
C LYS B 271 -1.67 22.22 -4.34
N ASP B 272 -1.62 22.22 -3.01
CA ASP B 272 -2.43 23.16 -2.24
C ASP B 272 -1.86 23.30 -0.83
N PHE B 273 -2.60 24.04 0.01
CA PHE B 273 -2.18 24.34 1.37
C PHE B 273 -2.15 23.10 2.24
N GLU B 274 -3.04 22.13 1.99
CA GLU B 274 -3.04 20.89 2.77
C GLU B 274 -1.79 20.06 2.51
N GLU B 275 -1.50 19.81 1.22
CA GLU B 275 -0.30 19.05 0.87
C GLU B 275 0.96 19.79 1.31
N GLY B 276 0.98 21.11 1.15
CA GLY B 276 2.20 21.86 1.40
C GLY B 276 2.58 21.93 2.86
N VAL B 277 1.59 22.12 3.74
CA VAL B 277 1.87 22.19 5.17
C VAL B 277 2.36 20.85 5.68
N TRP B 278 1.70 19.76 5.25
CA TRP B 278 2.12 18.42 5.69
C TRP B 278 3.55 18.12 5.24
N LEU B 279 3.89 18.47 4.00
CA LEU B 279 5.24 18.20 3.50
C LEU B 279 6.28 19.00 4.27
N SER B 280 5.94 20.24 4.64
CA SER B 280 6.89 21.04 5.42
C SER B 280 7.11 20.47 6.81
N GLU B 281 6.07 19.86 7.39
CA GLU B 281 6.25 19.17 8.67
C GLU B 281 7.01 17.86 8.48
N LEU B 282 6.73 17.14 7.40
CA LEU B 282 7.49 15.92 7.09
C LEU B 282 8.98 16.23 6.94
N SER B 283 9.31 17.31 6.21
CA SER B 283 10.70 17.68 5.99
C SER B 283 11.43 17.92 7.31
N ASP B 284 10.81 18.68 8.21
CA ASP B 284 11.46 18.96 9.49
CA ASP B 284 11.42 18.96 9.51
C ASP B 284 11.57 17.69 10.34
N ALA B 285 10.59 16.79 10.24
CA ALA B 285 10.67 15.54 10.99
C ALA B 285 11.80 14.65 10.48
N ILE B 286 12.12 14.73 9.19
CA ILE B 286 13.25 13.98 8.65
C ILE B 286 14.57 14.63 9.04
N GLU B 287 14.68 15.95 8.82
CA GLU B 287 15.96 16.63 8.98
C GLU B 287 16.43 16.65 10.43
N THR B 288 15.52 16.56 11.41
CA THR B 288 15.87 16.57 12.81
C THR B 288 15.89 15.18 13.44
N SER B 289 15.82 14.13 12.63
CA SER B 289 15.72 12.78 13.16
C SER B 289 16.97 12.38 13.95
N LYS B 290 16.75 11.67 15.06
CA LYS B 290 17.85 11.15 15.86
C LYS B 290 18.60 10.03 15.16
N GLY B 291 18.03 9.46 14.11
CA GLY B 291 18.58 8.29 13.46
C GLY B 291 19.54 8.56 12.33
N ILE B 292 19.80 9.83 12.02
CA ILE B 292 20.67 10.17 10.91
C ILE B 292 22.10 9.72 11.20
N LEU B 293 22.73 9.12 10.19
CA LEU B 293 24.13 8.75 10.27
C LEU B 293 24.98 9.82 9.59
N SER B 294 26.17 10.06 10.13
CA SER B 294 27.14 10.97 9.52
C SER B 294 28.35 10.14 9.13
N VAL B 295 28.54 9.95 7.83
CA VAL B 295 29.51 8.99 7.33
C VAL B 295 30.61 9.70 6.55
N PRO B 296 31.85 9.70 7.04
CA PRO B 296 32.96 10.17 6.20
C PRO B 296 33.19 9.20 5.06
N VAL B 297 33.48 9.75 3.89
CA VAL B 297 33.78 8.93 2.71
C VAL B 297 35.16 9.31 2.22
N PRO B 298 36.21 8.63 2.68
CA PRO B 298 37.57 8.98 2.25
C PRO B 298 37.76 8.76 0.76
N VAL B 299 38.80 9.39 0.22
CA VAL B 299 39.12 9.26 -1.20
C VAL B 299 39.35 7.80 -1.53
N GLY B 300 38.64 7.31 -2.57
CA GLY B 300 38.73 5.93 -2.97
C GLY B 300 37.61 5.05 -2.47
N LYS B 301 36.79 5.53 -1.55
CA LYS B 301 35.66 4.80 -1.02
C LYS B 301 34.38 5.27 -1.67
N PHE B 302 33.40 4.36 -1.76
CA PHE B 302 32.09 4.75 -2.26
C PHE B 302 30.99 4.07 -1.48
N LEU B 303 29.92 4.82 -1.22
CA LEU B 303 28.70 4.27 -0.66
C LEU B 303 27.83 3.67 -1.75
N LEU B 304 27.18 2.56 -1.44
CA LEU B 304 26.22 1.92 -2.34
C LEU B 304 25.04 1.49 -1.49
N ILE B 305 23.89 2.16 -1.69
CA ILE B 305 22.77 2.02 -0.76
C ILE B 305 21.49 1.69 -1.51
N ASN B 306 20.57 1.03 -0.82
CA ASN B 306 19.23 0.74 -1.33
C ASN B 306 18.39 2.00 -1.22
N ASN B 307 18.07 2.60 -2.37
CA ASN B 307 17.42 3.91 -2.44
C ASN B 307 15.95 3.87 -2.01
N LEU B 308 15.40 2.71 -1.65
CA LEU B 308 13.99 2.62 -1.28
C LEU B 308 13.75 2.81 0.21
N PHE B 309 14.68 2.36 1.08
CA PHE B 309 14.51 2.57 2.51
C PHE B 309 15.72 3.24 3.15
N TRP B 310 16.67 3.71 2.36
CA TRP B 310 17.70 4.64 2.82
C TRP B 310 17.47 6.00 2.16
N LEU B 311 17.52 7.06 2.95
CA LEU B 311 17.66 8.41 2.43
C LEU B 311 19.10 8.86 2.60
N HIS B 312 19.52 9.81 1.77
CA HIS B 312 20.89 10.30 1.84
C HIS B 312 20.93 11.79 1.56
N GLY B 313 21.97 12.42 2.08
CA GLY B 313 22.20 13.83 1.91
C GLY B 313 23.65 14.13 2.17
N ARG B 314 23.94 15.40 2.44
CA ARG B 314 25.33 15.78 2.67
C ARG B 314 25.41 16.94 3.66
N ASP B 315 26.32 16.80 4.61
CA ASP B 315 26.48 17.80 5.67
C ASP B 315 27.16 19.05 5.12
N ARG B 316 27.04 20.13 5.89
CA ARG B 316 27.75 21.36 5.57
C ARG B 316 29.25 21.16 5.68
N PHE B 317 30.00 22.04 5.02
CA PHE B 317 31.45 22.02 5.14
C PHE B 317 32.00 23.44 5.17
N THR B 318 33.24 23.56 5.60
CA THR B 318 33.88 24.86 5.79
C THR B 318 34.39 25.37 4.45
N PRO B 319 34.09 26.62 4.08
CA PRO B 319 34.74 27.21 2.90
C PRO B 319 36.21 27.47 3.17
N HIS B 320 37.03 27.18 2.16
CA HIS B 320 38.47 27.33 2.26
C HIS B 320 38.94 27.68 0.85
N PRO B 321 39.84 28.67 0.72
CA PRO B 321 40.22 29.12 -0.62
C PRO B 321 40.81 28.03 -1.51
N ASP B 322 41.52 27.06 -0.93
CA ASP B 322 42.16 25.99 -1.69
C ASP B 322 41.40 24.67 -1.59
N LEU B 323 40.10 24.74 -1.33
CA LEU B 323 39.29 23.53 -1.22
C LEU B 323 39.12 22.87 -2.58
N ARG B 324 39.17 21.53 -2.58
CA ARG B 324 38.81 20.77 -3.78
C ARG B 324 38.19 19.44 -3.36
N ARG B 325 36.97 19.20 -3.82
CA ARG B 325 36.30 17.92 -3.67
C ARG B 325 35.80 17.45 -5.02
N GLU B 326 36.08 16.20 -5.36
CA GLU B 326 35.58 15.58 -6.57
C GLU B 326 34.74 14.36 -6.23
N LEU B 327 33.58 14.24 -6.85
CA LEU B 327 32.64 13.15 -6.61
C LEU B 327 32.31 12.45 -7.92
N MET B 328 32.00 11.16 -7.81
CA MET B 328 31.42 10.41 -8.90
C MET B 328 30.16 9.73 -8.41
N ARG B 329 29.11 9.74 -9.22
CA ARG B 329 27.83 9.13 -8.85
C ARG B 329 27.37 8.18 -9.94
N GLN B 330 26.66 7.13 -9.50
CA GLN B 330 25.89 6.28 -10.40
C GLN B 330 24.57 5.94 -9.72
N ARG B 331 23.53 5.76 -10.54
CA ARG B 331 22.21 5.39 -10.08
C ARG B 331 21.62 4.37 -11.04
N GLY B 332 20.91 3.38 -10.51
CA GLY B 332 20.36 2.36 -11.37
C GLY B 332 19.31 1.51 -10.69
N TYR B 333 18.95 0.42 -11.37
CA TYR B 333 17.97 -0.54 -10.89
C TYR B 333 18.64 -1.88 -10.63
N PHE B 334 18.06 -2.65 -9.70
CA PHE B 334 18.54 -4.00 -9.44
C PHE B 334 18.14 -4.94 -10.58
N ALA B 335 18.98 -5.94 -10.82
CA ALA B 335 18.70 -6.98 -11.81
C ALA B 335 19.56 -8.19 -11.47
N TYR B 336 18.92 -9.33 -11.22
CA TYR B 336 19.59 -10.47 -10.63
C TYR B 336 18.76 -11.72 -10.87
N ALA B 337 19.41 -12.87 -10.75
CA ALA B 337 18.74 -14.16 -10.88
C ALA B 337 18.16 -14.60 -9.54
N SER B 338 16.97 -15.21 -9.60
CA SER B 338 16.40 -15.89 -8.45
C SER B 338 15.43 -16.95 -8.95
N ASN B 339 15.17 -17.93 -8.09
CA ASN B 339 14.19 -18.97 -8.39
C ASN B 339 12.79 -18.37 -8.19
N HIS B 340 12.09 -18.14 -9.28
CA HIS B 340 10.73 -17.61 -9.20
C HIS B 340 9.95 -18.06 -10.44
N TYR B 341 8.65 -17.82 -10.41
CA TYR B 341 7.75 -18.40 -11.40
C TYR B 341 7.79 -17.63 -12.72
N GLN B 342 7.49 -18.35 -13.79
CA GLN B 342 7.32 -17.79 -15.13
C GLN B 342 6.23 -18.58 -15.84
N THR B 343 5.88 -18.14 -17.04
CA THR B 343 4.88 -18.83 -17.84
C THR B 343 5.48 -19.24 -19.19
N HIS B 344 4.82 -20.19 -19.83
CA HIS B 344 5.16 -20.64 -21.18
C HIS B 344 6.55 -21.26 -21.25
N GLN B 345 7.14 -21.29 -22.44
CA GLN B 345 8.40 -22.00 -22.64
C GLN B 345 9.31 -21.27 -23.62
FE FE2 C . -22.04 -11.71 -0.79
FE FE2 D . 21.00 12.30 -4.33
#